data_7JJB
#
_entry.id   7JJB
#
_cell.length_a   44.251
_cell.length_b   50.091
_cell.length_c   87.215
_cell.angle_alpha   90.000
_cell.angle_beta   90.000
_cell.angle_gamma   90.000
#
_symmetry.space_group_name_H-M   'P 21 2 21'
#
loop_
_entity.id
_entity.type
_entity.pdbx_description
1 polymer 'Zinc-binding lipoprotein AdcA'
2 non-polymer 'ZINC ION'
3 non-polymer 'SODIUM ION'
4 non-polymer 'MAGNESIUM ION'
5 water water
#
_entity_poly.entity_id   1
_entity_poly.type   'polypeptide(L)'
_entity_poly.pdbx_seq_one_letter_code
;DTKTVQNGYFEDAAVKDRTLSDYAGNWQSVYPFLEDGTFDQVFDYKAKLTGKMTQAEYKAYYTKGYQTDVTKINITDNTM
EFVQGGQSKKYTYKYVGKKILTYKKGNRGVRFLFEATDADAGQFKYVQFSDHNIAPVKAEHFHIFFGGTSQETLFEEMDN
WPTYYPDNLSGQEIAQEMLAH
;
_entity_poly.pdbx_strand_id   A
#
loop_
_chem_comp.id
_chem_comp.type
_chem_comp.name
_chem_comp.formula
MG non-polymer 'MAGNESIUM ION' 'Mg 2'
NA non-polymer 'SODIUM ION' 'Na 1'
ZN non-polymer 'ZINC ION' 'Zn 2'
#
# COMPACT_ATOMS: atom_id res chain seq x y z
N ASP A 1 3.01 6.85 17.71
CA ASP A 1 2.92 6.56 19.17
C ASP A 1 1.58 7.02 19.74
N THR A 2 1.12 8.20 19.33
CA THR A 2 -0.18 8.68 19.78
C THR A 2 -1.28 7.74 19.28
N LYS A 3 -2.36 7.65 20.06
CA LYS A 3 -3.42 6.68 19.82
C LYS A 3 -4.44 7.29 18.86
N THR A 4 -4.06 7.33 17.60
CA THR A 4 -4.92 7.83 16.53
C THR A 4 -5.25 6.70 15.57
N VAL A 5 -6.30 6.94 14.78
CA VAL A 5 -6.75 5.94 13.82
C VAL A 5 -5.62 5.60 12.85
N GLN A 6 -4.94 6.62 12.31
CA GLN A 6 -3.94 6.33 11.28
C GLN A 6 -2.66 5.75 11.86
N ASN A 7 -2.49 5.81 13.19
CA ASN A 7 -1.45 5.05 13.87
C ASN A 7 -1.89 3.66 14.26
N GLY A 8 -3.12 3.26 13.91
CA GLY A 8 -3.58 1.92 14.14
C GLY A 8 -4.38 1.71 15.40
N TYR A 9 -4.91 2.78 16.00
CA TYR A 9 -5.70 2.69 17.23
C TYR A 9 -7.10 3.15 16.89
N PHE A 10 -8.04 2.21 16.82
CA PHE A 10 -9.37 2.54 16.36
C PHE A 10 -10.35 1.52 16.95
N GLU A 11 -11.62 1.86 16.87
CA GLU A 11 -12.66 0.99 17.38
C GLU A 11 -13.14 0.08 16.26
N ASP A 12 -13.38 -1.19 16.60
CA ASP A 12 -13.86 -2.15 15.61
C ASP A 12 -15.11 -1.63 14.90
N ALA A 13 -15.99 -0.98 15.66
CA ALA A 13 -17.26 -0.56 15.09
C ALA A 13 -17.10 0.51 14.02
N ALA A 14 -15.98 1.23 14.01
CA ALA A 14 -15.74 2.28 13.03
C ALA A 14 -15.20 1.75 11.70
N VAL A 15 -14.87 0.47 11.64
CA VAL A 15 -14.35 -0.13 10.42
C VAL A 15 -15.53 -0.40 9.48
N LYS A 16 -15.51 0.22 8.30
CA LYS A 16 -16.64 0.16 7.37
C LYS A 16 -16.15 -0.18 5.97
N ASP A 17 -17.02 -0.86 5.22
CA ASP A 17 -16.68 -1.28 3.87
C ASP A 17 -16.34 -0.08 2.98
N ARG A 18 -15.44 -0.33 2.03
CA ARG A 18 -15.07 0.64 1.02
C ARG A 18 -15.33 0.05 -0.36
N THR A 19 -15.14 0.88 -1.36
CA THR A 19 -15.23 0.48 -2.77
C THR A 19 -13.92 0.82 -3.48
N LEU A 20 -13.71 0.17 -4.62
CA LEU A 20 -12.48 0.40 -5.38
C LEU A 20 -12.33 1.87 -5.77
N SER A 21 -13.44 2.59 -5.93
CA SER A 21 -13.37 4.01 -6.30
C SER A 21 -12.54 4.84 -5.33
N ASP A 22 -12.42 4.43 -4.06
CA ASP A 22 -11.57 5.16 -3.14
C ASP A 22 -10.13 5.20 -3.64
N TYR A 23 -9.71 4.19 -4.41
CA TYR A 23 -8.34 4.03 -4.87
C TYR A 23 -8.16 4.43 -6.34
N ALA A 24 -9.20 4.97 -6.97
CA ALA A 24 -9.09 5.29 -8.39
C ALA A 24 -8.02 6.35 -8.61
N GLY A 25 -7.29 6.19 -9.70
CA GLY A 25 -6.25 7.14 -10.10
C GLY A 25 -5.13 6.41 -10.81
N ASN A 26 -4.12 7.19 -11.18
CA ASN A 26 -2.90 6.68 -11.79
C ASN A 26 -1.81 6.78 -10.74
N TRP A 27 -1.19 5.65 -10.41
CA TRP A 27 -0.30 5.55 -9.27
C TRP A 27 1.06 5.02 -9.69
N GLN A 28 2.08 5.44 -8.92
CA GLN A 28 3.46 5.06 -9.19
C GLN A 28 4.12 4.46 -7.96
N SER A 29 4.96 3.46 -8.18
CA SER A 29 5.75 2.87 -7.12
C SER A 29 6.74 3.88 -6.56
N VAL A 30 6.91 3.89 -5.24
CA VAL A 30 7.89 4.77 -4.60
C VAL A 30 9.30 4.19 -4.61
N TYR A 31 9.44 2.91 -4.95
CA TYR A 31 10.73 2.23 -4.82
C TYR A 31 11.85 2.93 -5.57
N PRO A 32 11.66 3.44 -6.81
CA PRO A 32 12.77 4.12 -7.48
C PRO A 32 13.34 5.28 -6.69
N PHE A 33 12.52 5.96 -5.88
CA PHE A 33 12.97 7.11 -5.11
C PHE A 33 13.70 6.71 -3.83
N LEU A 34 13.45 5.51 -3.33
CA LEU A 34 14.35 4.95 -2.34
C LEU A 34 15.69 4.64 -2.99
N GLU A 35 15.63 3.99 -4.15
CA GLU A 35 16.86 3.51 -4.78
C GLU A 35 17.76 4.65 -5.24
N ASP A 36 17.21 5.78 -5.65
CA ASP A 36 18.02 6.89 -6.15
C ASP A 36 18.43 7.88 -5.06
N GLY A 37 18.12 7.59 -3.80
CA GLY A 37 18.55 8.42 -2.70
C GLY A 37 17.59 9.52 -2.29
N THR A 38 16.49 9.71 -3.02
CA THR A 38 15.57 10.79 -2.69
C THR A 38 15.00 10.64 -1.29
N PHE A 39 14.84 9.41 -0.80
CA PHE A 39 14.27 9.21 0.53
C PHE A 39 15.34 9.19 1.63
N ASP A 40 16.62 9.38 1.32
CA ASP A 40 17.60 9.43 2.41
C ASP A 40 17.23 10.52 3.40
N GLN A 41 16.74 11.67 2.90
CA GLN A 41 16.33 12.75 3.79
C GLN A 41 15.15 12.34 4.67
N VAL A 42 14.30 11.43 4.18
CA VAL A 42 13.19 10.92 4.99
C VAL A 42 13.74 10.05 6.12
N PHE A 43 14.63 9.13 5.79
CA PHE A 43 15.15 8.21 6.79
C PHE A 43 16.00 8.94 7.82
N ASP A 44 16.72 9.99 7.39
CA ASP A 44 17.46 10.80 8.34
C ASP A 44 16.52 11.49 9.31
N TYR A 45 15.44 12.08 8.78
CA TYR A 45 14.44 12.74 9.62
C TYR A 45 13.80 11.75 10.59
N LYS A 46 13.37 10.60 10.09
CA LYS A 46 12.71 9.62 10.96
C LYS A 46 13.63 9.18 12.09
N ALA A 47 14.89 8.87 11.76
CA ALA A 47 15.84 8.44 12.78
C ALA A 47 16.02 9.50 13.86
N LYS A 48 16.14 10.76 13.44
CA LYS A 48 16.32 11.85 14.41
C LYS A 48 15.04 12.12 15.19
N LEU A 49 13.87 11.85 14.60
CA LEU A 49 12.61 12.10 15.27
C LEU A 49 12.30 11.01 16.30
N THR A 50 12.24 9.75 15.86
CA THR A 50 11.78 8.68 16.72
C THR A 50 12.87 8.04 17.56
N GLY A 51 14.11 8.03 17.07
CA GLY A 51 15.17 7.29 17.73
C GLY A 51 15.01 5.79 17.69
N LYS A 52 14.01 5.27 16.96
CA LYS A 52 13.75 3.84 16.96
C LYS A 52 14.75 3.09 16.09
N MET A 53 15.31 3.76 15.09
CA MET A 53 16.25 3.14 14.16
C MET A 53 17.23 4.21 13.71
N THR A 54 18.42 3.76 13.31
CA THR A 54 19.32 4.66 12.61
C THR A 54 18.82 4.85 11.19
N GLN A 55 19.46 5.80 10.51
CA GLN A 55 19.13 6.06 9.11
C GLN A 55 19.31 4.80 8.27
N ALA A 56 20.43 4.09 8.46
CA ALA A 56 20.68 2.87 7.68
C ALA A 56 19.66 1.80 8.02
N GLU A 57 19.30 1.66 9.30
CA GLU A 57 18.28 0.69 9.68
C GLU A 57 16.94 1.02 9.02
N TYR A 58 16.54 2.29 9.02
CA TYR A 58 15.31 2.67 8.34
C TYR A 58 15.39 2.37 6.85
N LYS A 59 16.52 2.67 6.23
CA LYS A 59 16.62 2.41 4.80
C LYS A 59 16.47 0.92 4.51
N ALA A 60 17.06 0.05 5.34
CA ALA A 60 16.93 -1.38 5.11
C ALA A 60 15.48 -1.83 5.29
N TYR A 61 14.79 -1.29 6.30
CA TYR A 61 13.40 -1.64 6.56
C TYR A 61 12.52 -1.25 5.38
N TYR A 62 12.72 -0.04 4.85
CA TYR A 62 11.93 0.41 3.72
C TYR A 62 12.38 -0.20 2.40
N THR A 63 13.62 -0.65 2.27
CA THR A 63 14.01 -1.38 1.09
C THR A 63 13.22 -2.69 1.00
N LYS A 64 13.17 -3.42 2.12
CA LYS A 64 12.38 -4.63 2.17
C LYS A 64 10.91 -4.32 1.94
N GLY A 65 10.41 -3.23 2.52
CA GLY A 65 9.01 -2.90 2.37
C GLY A 65 8.62 -2.49 0.96
N TYR A 66 9.43 -1.66 0.31
CA TYR A 66 9.00 -1.05 -0.94
C TYR A 66 9.36 -1.84 -2.19
N GLN A 67 10.26 -2.81 -2.12
CA GLN A 67 10.73 -3.45 -3.34
C GLN A 67 9.56 -4.05 -4.12
N THR A 68 9.55 -3.79 -5.42
CA THR A 68 8.58 -4.37 -6.34
C THR A 68 9.04 -4.09 -7.76
N ASP A 69 8.61 -4.94 -8.69
N ASP A 69 8.60 -4.97 -8.68
CA ASP A 69 8.75 -4.64 -10.11
CA ASP A 69 8.71 -4.79 -10.11
C ASP A 69 7.46 -4.09 -10.72
C ASP A 69 7.43 -4.23 -10.73
N VAL A 70 6.41 -3.92 -9.91
CA VAL A 70 5.17 -3.32 -10.40
C VAL A 70 5.37 -1.81 -10.30
N THR A 71 5.73 -1.19 -11.41
CA THR A 71 6.18 0.19 -11.40
C THR A 71 5.03 1.18 -11.38
N LYS A 72 3.88 0.81 -11.93
CA LYS A 72 2.71 1.66 -12.02
C LYS A 72 1.47 0.81 -11.88
N ILE A 73 0.45 1.39 -11.26
CA ILE A 73 -0.87 0.76 -11.14
C ILE A 73 -1.90 1.83 -11.47
N ASN A 74 -2.79 1.52 -12.41
CA ASN A 74 -3.87 2.41 -12.80
C ASN A 74 -5.19 1.79 -12.41
N ILE A 75 -6.01 2.56 -11.67
CA ILE A 75 -7.20 2.04 -11.03
C ILE A 75 -8.39 2.88 -11.45
N THR A 76 -9.47 2.23 -11.84
CA THR A 76 -10.76 2.88 -12.08
C THR A 76 -11.74 2.34 -11.05
N ASP A 77 -13.01 2.73 -11.17
CA ASP A 77 -13.98 2.25 -10.20
C ASP A 77 -14.17 0.73 -10.25
N ASN A 78 -13.76 0.07 -11.33
N ASN A 78 -13.76 0.06 -11.33
CA ASN A 78 -13.96 -1.36 -11.46
CA ASN A 78 -13.94 -1.39 -11.38
C ASN A 78 -12.77 -2.15 -11.99
C ASN A 78 -12.81 -2.14 -12.07
N THR A 79 -11.67 -1.51 -12.36
CA THR A 79 -10.53 -2.21 -12.94
C THR A 79 -9.24 -1.79 -12.25
N MET A 80 -8.23 -2.66 -12.34
CA MET A 80 -6.86 -2.34 -11.99
C MET A 80 -5.96 -2.86 -13.10
N GLU A 81 -4.95 -2.04 -13.43
CA GLU A 81 -3.94 -2.36 -14.41
C GLU A 81 -2.58 -2.29 -13.74
N PHE A 82 -1.82 -3.37 -13.84
CA PHE A 82 -0.50 -3.49 -13.23
C PHE A 82 0.54 -3.48 -14.34
N VAL A 83 1.51 -2.58 -14.24
CA VAL A 83 2.61 -2.51 -15.20
C VAL A 83 3.83 -3.10 -14.52
N GLN A 84 4.34 -4.20 -15.06
CA GLN A 84 5.34 -5.04 -14.38
C GLN A 84 6.25 -5.67 -15.40
N GLY A 85 7.54 -5.32 -15.37
CA GLY A 85 8.54 -5.89 -16.25
C GLY A 85 8.12 -6.10 -17.70
N GLY A 86 7.89 -5.01 -18.44
CA GLY A 86 7.60 -5.10 -19.85
C GLY A 86 6.22 -5.62 -20.21
N GLN A 87 5.31 -5.72 -19.24
CA GLN A 87 3.95 -6.19 -19.52
C GLN A 87 2.95 -5.41 -18.70
N SER A 88 1.78 -5.16 -19.29
CA SER A 88 0.65 -4.55 -18.61
C SER A 88 -0.46 -5.58 -18.55
N LYS A 89 -1.06 -5.74 -17.37
N LYS A 89 -1.08 -5.74 -17.38
CA LYS A 89 -2.17 -6.67 -17.15
CA LYS A 89 -2.17 -6.68 -17.18
C LYS A 89 -3.30 -5.90 -16.49
C LYS A 89 -3.31 -5.96 -16.47
N LYS A 90 -4.49 -5.97 -17.08
CA LYS A 90 -5.64 -5.21 -16.59
C LYS A 90 -6.82 -6.14 -16.40
N TYR A 91 -7.43 -6.09 -15.21
CA TYR A 91 -8.54 -6.96 -14.86
C TYR A 91 -9.64 -6.15 -14.20
N THR A 92 -10.83 -6.73 -14.20
CA THR A 92 -12.00 -6.18 -13.52
C THR A 92 -12.11 -6.82 -12.14
N TYR A 93 -12.50 -6.02 -11.14
CA TYR A 93 -12.48 -6.43 -9.74
C TYR A 93 -13.81 -6.17 -9.07
N LYS A 94 -14.13 -7.04 -8.12
CA LYS A 94 -15.23 -6.85 -7.18
C LYS A 94 -14.67 -6.75 -5.76
N TYR A 95 -15.36 -5.98 -4.94
CA TYR A 95 -15.04 -5.89 -3.51
C TYR A 95 -15.51 -7.15 -2.82
N VAL A 96 -14.67 -7.71 -1.95
CA VAL A 96 -15.01 -8.91 -1.22
C VAL A 96 -14.91 -8.77 0.30
N GLY A 97 -14.56 -7.60 0.82
CA GLY A 97 -14.66 -7.35 2.24
C GLY A 97 -13.41 -6.70 2.81
N LYS A 98 -13.22 -6.89 4.12
CA LYS A 98 -12.15 -6.23 4.85
C LYS A 98 -11.67 -7.14 5.97
N LYS A 99 -10.46 -6.88 6.44
CA LYS A 99 -9.84 -7.69 7.47
C LYS A 99 -9.07 -6.78 8.42
N ILE A 100 -9.35 -6.91 9.72
CA ILE A 100 -8.58 -6.21 10.74
C ILE A 100 -7.44 -7.12 11.17
N LEU A 101 -6.21 -6.65 11.00
CA LEU A 101 -5.02 -7.36 11.42
C LEU A 101 -4.47 -6.69 12.67
N THR A 102 -3.99 -7.51 13.62
CA THR A 102 -3.40 -7.00 14.84
C THR A 102 -1.90 -7.22 14.75
N TYR A 103 -1.13 -6.15 14.91
CA TYR A 103 0.32 -6.20 14.78
C TYR A 103 0.93 -6.54 16.14
N LYS A 104 2.20 -6.95 16.10
CA LYS A 104 2.85 -7.43 17.32
C LYS A 104 2.94 -6.33 18.37
N LYS A 105 3.03 -5.07 17.94
CA LYS A 105 3.09 -3.94 18.86
C LYS A 105 1.78 -3.74 19.61
N GLY A 106 0.67 -4.29 19.11
CA GLY A 106 -0.63 -4.16 19.74
C GLY A 106 -1.59 -3.27 19.00
N ASN A 107 -1.09 -2.41 18.12
CA ASN A 107 -1.96 -1.64 17.24
C ASN A 107 -2.44 -2.54 16.12
N ARG A 108 -3.25 -1.97 15.23
CA ARG A 108 -3.95 -2.74 14.21
C ARG A 108 -3.96 -1.98 12.90
N GLY A 109 -4.40 -2.67 11.86
CA GLY A 109 -4.61 -2.06 10.56
C GLY A 109 -5.69 -2.82 9.84
N VAL A 110 -6.28 -2.18 8.84
CA VAL A 110 -7.34 -2.80 8.03
C VAL A 110 -6.88 -2.96 6.60
N ARG A 111 -7.09 -4.13 6.04
CA ARG A 111 -6.94 -4.34 4.62
C ARG A 111 -8.29 -4.46 3.94
N PHE A 112 -8.42 -3.80 2.79
CA PHE A 112 -9.62 -3.82 1.99
C PHE A 112 -9.38 -4.71 0.78
N LEU A 113 -10.31 -5.63 0.53
CA LEU A 113 -10.05 -6.83 -0.25
C LEU A 113 -10.85 -6.83 -1.55
N PHE A 114 -10.18 -7.19 -2.64
CA PHE A 114 -10.76 -7.21 -3.97
C PHE A 114 -10.37 -8.50 -4.69
N GLU A 115 -11.23 -8.95 -5.59
CA GLU A 115 -11.00 -10.18 -6.32
C GLU A 115 -11.30 -9.95 -7.78
N ALA A 116 -10.40 -10.40 -8.65
CA ALA A 116 -10.61 -10.25 -10.08
C ALA A 116 -11.72 -11.17 -10.53
N THR A 117 -12.55 -10.70 -11.46
CA THR A 117 -13.57 -11.56 -12.01
C THR A 117 -13.09 -12.28 -13.26
N ASP A 118 -11.97 -11.87 -13.83
CA ASP A 118 -11.41 -12.54 -15.00
C ASP A 118 -10.81 -13.87 -14.58
N ALA A 119 -10.94 -14.87 -15.45
CA ALA A 119 -10.44 -16.21 -15.13
C ALA A 119 -8.92 -16.28 -15.16
N ASP A 120 -8.26 -15.39 -15.90
CA ASP A 120 -6.83 -15.49 -16.15
C ASP A 120 -6.01 -14.48 -15.35
N ALA A 121 -6.43 -14.15 -14.13
CA ALA A 121 -5.77 -13.06 -13.43
C ALA A 121 -4.47 -13.47 -12.76
N GLY A 122 -4.24 -14.76 -12.55
CA GLY A 122 -2.93 -15.19 -12.08
C GLY A 122 -2.61 -14.58 -10.72
N GLN A 123 -1.40 -14.01 -10.60
CA GLN A 123 -0.97 -13.46 -9.32
C GLN A 123 -1.71 -12.20 -8.93
N PHE A 124 -2.57 -11.68 -9.81
CA PHE A 124 -3.38 -10.50 -9.50
C PHE A 124 -4.83 -10.85 -9.20
N LYS A 125 -5.14 -12.11 -8.94
CA LYS A 125 -6.53 -12.48 -8.69
C LYS A 125 -7.03 -11.88 -7.37
N TYR A 126 -6.19 -11.87 -6.35
CA TYR A 126 -6.55 -11.36 -5.04
C TYR A 126 -5.67 -10.15 -4.74
N VAL A 127 -6.30 -9.02 -4.42
CA VAL A 127 -5.60 -7.76 -4.22
C VAL A 127 -6.14 -7.09 -2.97
N GLN A 128 -5.23 -6.57 -2.14
CA GLN A 128 -5.60 -5.89 -0.90
C GLN A 128 -4.89 -4.55 -0.79
N PHE A 129 -5.60 -3.58 -0.23
CA PHE A 129 -5.08 -2.25 0.01
C PHE A 129 -5.03 -1.92 1.49
N SER A 130 -3.93 -1.30 1.91
CA SER A 130 -3.76 -0.73 3.24
CA SER A 130 -3.82 -0.72 3.23
C SER A 130 -3.34 0.72 3.08
N ASP A 131 -4.06 1.65 3.73
CA ASP A 131 -3.74 3.07 3.60
C ASP A 131 -3.90 3.80 4.92
N HIS A 132 -3.90 3.10 6.05
N HIS A 132 -3.89 3.07 6.02
CA HIS A 132 -4.04 3.69 7.39
CA HIS A 132 -4.01 3.60 7.37
C HIS A 132 -5.44 4.15 7.69
C HIS A 132 -5.38 4.25 7.63
N ASN A 133 -6.36 3.97 6.77
CA ASN A 133 -7.77 4.30 7.00
C ASN A 133 -8.58 3.03 7.17
N ILE A 134 -9.79 3.21 7.71
CA ILE A 134 -10.63 2.11 8.15
C ILE A 134 -12.04 2.21 7.60
N ALA A 135 -12.33 3.19 6.76
CA ALA A 135 -13.68 3.48 6.30
C ALA A 135 -13.56 4.37 5.08
N PRO A 136 -14.64 4.55 4.32
CA PRO A 136 -14.54 5.30 3.06
C PRO A 136 -13.88 6.66 3.18
N VAL A 137 -12.93 6.91 2.27
CA VAL A 137 -12.28 8.19 2.04
C VAL A 137 -11.36 7.99 0.84
N LYS A 138 -11.16 9.04 0.04
CA LYS A 138 -10.26 8.90 -1.10
C LYS A 138 -8.85 8.64 -0.59
N ALA A 139 -8.20 7.63 -1.19
CA ALA A 139 -6.84 7.30 -0.78
C ALA A 139 -5.87 8.36 -1.27
N GLU A 140 -4.87 8.66 -0.44
CA GLU A 140 -3.77 9.55 -0.80
C GLU A 140 -2.50 8.79 -1.16
N HIS A 141 -2.38 7.56 -0.69
CA HIS A 141 -1.33 6.61 -1.06
C HIS A 141 -1.83 5.26 -0.59
N PHE A 142 -1.13 4.18 -0.99
CA PHE A 142 -1.54 2.88 -0.49
C PHE A 142 -0.36 1.92 -0.53
N HIS A 143 -0.43 0.94 0.38
N HIS A 143 -0.51 0.87 0.27
CA HIS A 143 0.35 -0.28 0.29
CA HIS A 143 0.38 -0.27 0.30
C HIS A 143 -0.53 -1.33 -0.39
C HIS A 143 -0.43 -1.46 -0.18
N ILE A 144 0.10 -2.20 -1.16
CA ILE A 144 -0.65 -3.25 -1.85
C ILE A 144 -0.11 -4.63 -1.52
N PHE A 145 -1.02 -5.60 -1.57
CA PHE A 145 -0.71 -7.02 -1.43
C PHE A 145 -1.45 -7.73 -2.54
N PHE A 146 -0.82 -8.70 -3.19
CA PHE A 146 -1.52 -9.40 -4.26
C PHE A 146 -0.95 -10.81 -4.43
N GLY A 147 -1.83 -11.72 -4.83
CA GLY A 147 -1.40 -13.07 -5.13
C GLY A 147 -2.54 -13.87 -5.76
N GLY A 148 -2.24 -15.14 -6.03
CA GLY A 148 -3.13 -16.00 -6.78
C GLY A 148 -3.80 -17.12 -6.02
N THR A 149 -3.74 -17.15 -4.71
CA THR A 149 -4.33 -18.25 -3.95
C THR A 149 -5.58 -17.84 -3.19
N SER A 150 -5.47 -16.85 -2.33
CA SER A 150 -6.62 -16.42 -1.54
C SER A 150 -6.25 -15.11 -0.85
N GLN A 151 -7.29 -14.42 -0.37
CA GLN A 151 -7.02 -13.28 0.50
C GLN A 151 -6.23 -13.72 1.72
N GLU A 152 -6.57 -14.89 2.26
CA GLU A 152 -6.02 -15.31 3.53
C GLU A 152 -4.51 -15.51 3.44
N THR A 153 -4.02 -16.02 2.31
CA THR A 153 -2.59 -16.17 2.15
C THR A 153 -1.88 -14.84 2.33
N LEU A 154 -2.47 -13.77 1.81
CA LEU A 154 -1.82 -12.47 1.83
C LEU A 154 -1.77 -11.87 3.23
N PHE A 155 -2.65 -12.30 4.14
CA PHE A 155 -2.60 -11.82 5.51
C PHE A 155 -1.30 -12.21 6.21
N GLU A 156 -0.55 -13.17 5.66
CA GLU A 156 0.71 -13.58 6.24
C GLU A 156 1.88 -12.70 5.82
N GLU A 157 1.71 -11.84 4.80
CA GLU A 157 2.79 -10.97 4.34
C GLU A 157 2.75 -9.68 5.14
N MET A 158 3.79 -9.45 5.94
CA MET A 158 3.88 -8.28 6.78
C MET A 158 5.06 -7.37 6.48
N ASP A 159 6.04 -7.84 5.71
CA ASP A 159 7.28 -7.08 5.60
C ASP A 159 7.56 -6.49 4.22
N ASN A 160 6.85 -6.94 3.18
CA ASN A 160 6.91 -6.35 1.85
C ASN A 160 5.54 -5.82 1.50
N TRP A 161 5.49 -4.52 1.19
CA TRP A 161 4.23 -3.80 0.99
C TRP A 161 4.49 -2.72 -0.04
N PRO A 162 4.61 -3.10 -1.31
CA PRO A 162 4.83 -2.11 -2.36
C PRO A 162 3.87 -0.95 -2.22
N THR A 163 4.41 0.26 -2.39
CA THR A 163 3.74 1.48 -1.97
C THR A 163 3.65 2.45 -3.13
N TYR A 164 2.49 3.10 -3.24
CA TYR A 164 2.10 3.85 -4.42
C TYR A 164 1.57 5.21 -4.04
N TYR A 165 1.99 6.22 -4.79
CA TYR A 165 1.52 7.60 -4.67
C TYR A 165 1.07 8.09 -6.03
N PRO A 166 0.33 9.20 -6.08
CA PRO A 166 -0.19 9.67 -7.38
C PRO A 166 0.94 9.96 -8.37
N ASP A 167 0.67 9.64 -9.65
CA ASP A 167 1.64 9.84 -10.72
C ASP A 167 2.03 11.31 -10.91
N ASN A 168 1.17 12.24 -10.55
CA ASN A 168 1.46 13.65 -10.76
C ASN A 168 2.46 14.23 -9.76
N LEU A 169 2.89 13.47 -8.77
CA LEU A 169 3.89 13.93 -7.82
C LEU A 169 5.29 13.56 -8.29
N SER A 170 6.23 14.48 -8.06
CA SER A 170 7.63 14.14 -8.15
C SER A 170 8.06 13.30 -6.95
N GLY A 171 9.22 12.64 -7.08
CA GLY A 171 9.79 11.96 -5.93
C GLY A 171 10.02 12.90 -4.76
N GLN A 172 10.41 14.14 -5.04
CA GLN A 172 10.61 15.11 -3.97
C GLN A 172 9.32 15.41 -3.23
N GLU A 173 8.20 15.54 -3.96
CA GLU A 173 6.91 15.75 -3.31
C GLU A 173 6.50 14.54 -2.49
N ILE A 174 6.76 13.33 -2.97
CA ILE A 174 6.48 12.14 -2.16
C ILE A 174 7.29 12.19 -0.86
N ALA A 175 8.57 12.54 -0.95
CA ALA A 175 9.38 12.68 0.25
C ALA A 175 8.78 13.71 1.21
N GLN A 176 8.31 14.84 0.68
CA GLN A 176 7.66 15.85 1.52
C GLN A 176 6.47 15.24 2.25
N GLU A 177 5.63 14.49 1.53
CA GLU A 177 4.45 13.91 2.16
C GLU A 177 4.85 12.93 3.26
N MET A 178 5.93 12.18 3.03
CA MET A 178 6.38 11.23 4.04
C MET A 178 6.93 11.94 5.28
N LEU A 179 7.55 13.11 5.09
CA LEU A 179 8.06 13.87 6.23
C LEU A 179 6.94 14.55 7.01
N ALA A 180 5.78 14.75 6.39
CA ALA A 180 4.64 15.35 7.08
C ALA A 180 3.88 14.26 7.83
ZN ZN B . 1.39 4.46 4.45
ZN ZN C . 1.94 1.53 6.46
NA NA D . -4.29 -10.41 13.15
NA NA E . 7.54 -7.52 -8.09
NA NA F . -6.39 0.56 5.09
NA NA G . 9.15 -0.24 -8.30
NA NA H . -16.43 4.85 10.38
NA NA I . -3.92 -5.81 -20.36
MG MG J . 7.86 5.99 -9.62
#